data_1SRB
#
_entry.id   1SRB
#
_cell.length_a   1.000
_cell.length_b   1.000
_cell.length_c   1.000
_cell.angle_alpha   90.00
_cell.angle_beta   90.00
_cell.angle_gamma   90.00
#
_symmetry.space_group_name_H-M   'P 1'
#
_entity_poly.entity_id   1
_entity_poly.type   'polypeptide(L)'
_entity_poly.pdbx_seq_one_letter_code
;CSCKDMTDKECLYFCHQDVIW
;
_entity_poly.pdbx_strand_id   A
#
# COMPACT_ATOMS: atom_id res chain seq x y z
N CYS A 1 -6.24 -5.03 -3.11
CA CYS A 1 -6.28 -3.97 -2.06
C CYS A 1 -7.15 -2.78 -2.50
N SER A 2 -7.25 -1.84 -1.59
CA SER A 2 -8.05 -0.60 -1.83
C SER A 2 -7.20 0.65 -1.52
N CYS A 3 -7.13 1.54 -2.48
CA CYS A 3 -6.34 2.81 -2.34
C CYS A 3 -7.36 3.95 -2.53
N LYS A 4 -8.07 4.24 -1.47
CA LYS A 4 -9.09 5.32 -1.51
C LYS A 4 -8.73 6.56 -0.67
N ASP A 5 -8.19 7.51 -1.39
CA ASP A 5 -7.71 8.87 -0.92
C ASP A 5 -6.17 8.76 -0.80
N MET A 6 -5.64 7.80 -1.51
CA MET A 6 -4.17 7.52 -1.52
C MET A 6 -3.67 7.40 -2.97
N THR A 7 -2.44 6.98 -3.09
CA THR A 7 -1.78 6.80 -4.42
C THR A 7 -1.59 5.28 -4.61
N ASP A 8 -0.52 4.88 -5.24
CA ASP A 8 -0.25 3.43 -5.48
C ASP A 8 0.98 3.10 -4.65
N LYS A 9 2.06 3.78 -4.94
CA LYS A 9 3.35 3.58 -4.22
C LYS A 9 3.09 3.53 -2.70
N GLU A 10 2.40 4.53 -2.22
CA GLU A 10 2.07 4.60 -0.76
C GLU A 10 1.14 3.45 -0.36
N CYS A 11 0.03 3.36 -1.05
CA CYS A 11 -0.99 2.29 -0.80
C CYS A 11 -0.30 0.94 -0.51
N LEU A 12 0.59 0.58 -1.41
CA LEU A 12 1.35 -0.69 -1.31
C LEU A 12 2.12 -0.75 0.02
N TYR A 13 2.75 0.34 0.35
CA TYR A 13 3.53 0.43 1.62
C TYR A 13 2.63 0.14 2.85
N PHE A 14 1.35 -0.06 2.64
CA PHE A 14 0.36 -0.36 3.73
C PHE A 14 -0.26 -1.76 3.55
N CYS A 15 -0.65 -2.05 2.33
CA CYS A 15 -1.27 -3.38 2.02
C CYS A 15 -0.28 -4.37 1.39
N HIS A 16 0.61 -3.89 0.57
CA HIS A 16 1.63 -4.77 -0.09
C HIS A 16 2.99 -4.62 0.61
N GLN A 17 2.93 -4.52 1.91
CA GLN A 17 4.17 -4.38 2.75
C GLN A 17 4.32 -5.67 3.58
N ASP A 18 4.12 -6.76 2.87
CA ASP A 18 4.21 -8.12 3.46
C ASP A 18 5.50 -8.80 2.97
N VAL A 19 6.58 -8.28 3.51
CA VAL A 19 7.95 -8.78 3.18
C VAL A 19 8.45 -9.64 4.34
N ILE A 20 8.98 -10.80 3.99
CA ILE A 20 9.52 -11.75 5.00
C ILE A 20 10.98 -12.10 4.60
N TRP A 21 11.72 -11.04 4.46
CA TRP A 21 13.16 -11.11 4.07
C TRP A 21 14.10 -11.06 5.31
N CYS A 1 -6.17 -3.80 -2.02
CA CYS A 1 -6.35 -3.30 -0.63
C CYS A 1 -6.84 -1.84 -0.66
N SER A 2 -8.12 -1.69 -0.90
CA SER A 2 -8.81 -0.35 -0.98
C SER A 2 -7.88 0.88 -1.09
N CYS A 3 -7.48 1.16 -2.31
CA CYS A 3 -6.56 2.31 -2.57
C CYS A 3 -7.41 3.54 -2.95
N LYS A 4 -8.17 3.98 -1.99
CA LYS A 4 -9.05 5.17 -2.19
C LYS A 4 -8.43 6.37 -1.49
N ASP A 5 -8.48 7.48 -2.17
CA ASP A 5 -7.90 8.79 -1.67
C ASP A 5 -6.42 8.59 -1.25
N MET A 6 -5.77 7.70 -1.94
CA MET A 6 -4.32 7.36 -1.71
C MET A 6 -3.59 7.31 -3.06
N THR A 7 -2.29 7.15 -3.02
CA THR A 7 -1.48 7.08 -4.29
C THR A 7 -0.94 5.64 -4.37
N ASP A 8 -0.49 5.27 -5.53
CA ASP A 8 0.06 3.89 -5.74
C ASP A 8 1.05 3.50 -4.63
N LYS A 9 2.18 4.17 -4.62
CA LYS A 9 3.23 3.89 -3.59
C LYS A 9 2.64 3.81 -2.17
N GLU A 10 1.92 4.83 -1.78
CA GLU A 10 1.30 4.84 -0.41
C GLU A 10 0.55 3.52 -0.16
N CYS A 11 -0.43 3.27 -0.99
CA CYS A 11 -1.24 2.02 -0.85
C CYS A 11 -0.33 0.80 -0.71
N LEU A 12 0.63 0.67 -1.60
CA LEU A 12 1.58 -0.49 -1.55
C LEU A 12 2.16 -0.67 -0.15
N TYR A 13 2.72 0.40 0.35
CA TYR A 13 3.34 0.39 1.72
C TYR A 13 2.43 -0.25 2.80
N PHE A 14 1.15 -0.30 2.53
CA PHE A 14 0.15 -0.89 3.47
C PHE A 14 -0.25 -2.30 2.99
N CYS A 15 -0.41 -2.41 1.69
CA CYS A 15 -0.81 -3.70 1.05
C CYS A 15 0.43 -4.53 0.68
N HIS A 16 1.21 -4.08 -0.28
CA HIS A 16 2.44 -4.82 -0.70
C HIS A 16 3.26 -5.24 0.52
N GLN A 17 3.35 -4.31 1.43
CA GLN A 17 4.09 -4.47 2.71
C GLN A 17 5.59 -4.51 2.35
N ASP A 18 6.04 -3.37 1.89
CA ASP A 18 7.46 -3.18 1.48
C ASP A 18 8.17 -2.34 2.55
N VAL A 19 8.41 -3.02 3.65
CA VAL A 19 9.11 -2.44 4.82
C VAL A 19 10.53 -3.03 4.87
N ILE A 20 11.38 -2.47 5.69
CA ILE A 20 12.78 -2.97 5.81
C ILE A 20 13.14 -3.34 7.26
N TRP A 21 13.44 -4.59 7.44
CA TRP A 21 13.83 -5.11 8.79
C TRP A 21 15.15 -5.90 8.66
N CYS A 1 -7.56 -5.32 -0.85
CA CYS A 1 -7.03 -3.98 -0.46
C CYS A 1 -7.62 -2.87 -1.34
N SER A 2 -7.63 -1.69 -0.78
CA SER A 2 -8.16 -0.48 -1.47
C SER A 2 -7.14 0.66 -1.31
N CYS A 3 -7.25 1.63 -2.18
CA CYS A 3 -6.33 2.80 -2.13
C CYS A 3 -7.16 4.11 -2.09
N LYS A 4 -8.39 3.99 -1.61
CA LYS A 4 -9.35 5.15 -1.47
C LYS A 4 -8.62 6.50 -1.36
N ASP A 5 -8.97 7.44 -2.21
CA ASP A 5 -8.34 8.81 -2.22
C ASP A 5 -6.83 8.89 -1.84
N MET A 6 -6.08 7.87 -2.23
CA MET A 6 -4.61 7.80 -1.94
C MET A 6 -3.87 7.65 -3.29
N THR A 7 -2.59 7.37 -3.20
CA THR A 7 -1.73 7.18 -4.41
C THR A 7 -1.37 5.67 -4.45
N ASP A 8 -0.30 5.34 -5.13
CA ASP A 8 0.14 3.92 -5.24
C ASP A 8 1.35 3.69 -4.34
N LYS A 9 2.41 4.40 -4.61
CA LYS A 9 3.68 4.31 -3.82
C LYS A 9 3.44 4.10 -2.30
N GLU A 10 2.40 4.75 -1.82
CA GLU A 10 2.02 4.66 -0.39
C GLU A 10 1.10 3.45 -0.18
N CYS A 11 0.02 3.39 -0.93
CA CYS A 11 -0.95 2.24 -0.81
C CYS A 11 -0.19 0.90 -0.66
N LEU A 12 0.83 0.77 -1.47
CA LEU A 12 1.69 -0.44 -1.46
C LEU A 12 2.21 -0.76 -0.05
N TYR A 13 2.86 0.22 0.51
CA TYR A 13 3.44 0.09 1.89
C TYR A 13 2.43 -0.50 2.91
N PHE A 14 1.18 -0.28 2.61
CA PHE A 14 0.05 -0.77 3.47
C PHE A 14 -0.39 -2.19 3.03
N CYS A 15 -0.49 -2.40 1.75
CA CYS A 15 -0.92 -3.75 1.22
C CYS A 15 0.29 -4.58 0.74
N HIS A 16 1.00 -4.11 -0.26
CA HIS A 16 2.19 -4.86 -0.78
C HIS A 16 3.16 -5.25 0.36
N GLN A 17 3.31 -4.32 1.27
CA GLN A 17 4.20 -4.49 2.45
C GLN A 17 3.35 -4.40 3.72
N ASP A 18 2.30 -5.17 3.70
CA ASP A 18 1.37 -5.21 4.87
C ASP A 18 2.13 -5.87 6.02
N VAL A 19 2.73 -7.00 5.72
CA VAL A 19 3.52 -7.77 6.74
C VAL A 19 4.96 -7.87 6.23
N ILE A 20 5.82 -8.29 7.12
CA ILE A 20 7.27 -8.45 6.78
C ILE A 20 7.75 -9.88 7.05
N TRP A 21 8.59 -10.33 6.14
CA TRP A 21 9.18 -11.70 6.22
C TRP A 21 10.67 -11.66 5.85
N CYS A 1 -6.68 -5.30 -1.60
CA CYS A 1 -6.94 -4.10 -0.76
C CYS A 1 -7.49 -2.96 -1.62
N SER A 2 -7.74 -1.85 -0.98
CA SER A 2 -8.29 -0.64 -1.69
C SER A 2 -7.31 0.54 -1.53
N CYS A 3 -7.33 1.40 -2.51
CA CYS A 3 -6.46 2.62 -2.52
C CYS A 3 -7.40 3.83 -2.72
N LYS A 4 -8.10 4.13 -1.66
CA LYS A 4 -9.08 5.26 -1.65
C LYS A 4 -8.57 6.44 -0.80
N ASP A 5 -8.10 7.43 -1.53
CA ASP A 5 -7.54 8.72 -1.01
C ASP A 5 -6.03 8.53 -0.83
N MET A 6 -5.49 7.79 -1.77
CA MET A 6 -4.03 7.46 -1.80
C MET A 6 -3.51 7.61 -3.23
N THR A 7 -2.25 7.29 -3.40
CA THR A 7 -1.57 7.38 -4.72
C THR A 7 -1.38 5.93 -5.18
N ASP A 8 -0.15 5.49 -5.28
CA ASP A 8 0.16 4.09 -5.70
C ASP A 8 1.15 3.54 -4.68
N LYS A 9 2.31 4.17 -4.67
CA LYS A 9 3.42 3.78 -3.75
C LYS A 9 2.96 3.72 -2.29
N GLU A 10 2.30 4.75 -1.82
CA GLU A 10 1.83 4.76 -0.40
C GLU A 10 0.91 3.55 -0.15
N CYS A 11 -0.13 3.45 -0.96
CA CYS A 11 -1.10 2.31 -0.82
C CYS A 11 -0.32 0.99 -0.63
N LEU A 12 0.63 0.74 -1.52
CA LEU A 12 1.45 -0.50 -1.43
C LEU A 12 2.07 -0.63 -0.03
N TYR A 13 2.75 0.42 0.37
CA TYR A 13 3.41 0.44 1.72
C TYR A 13 2.49 -0.05 2.86
N PHE A 14 1.20 -0.07 2.59
CA PHE A 14 0.16 -0.52 3.58
C PHE A 14 -0.36 -1.94 3.26
N CYS A 15 -0.57 -2.22 2.00
CA CYS A 15 -1.07 -3.57 1.56
C CYS A 15 0.03 -4.53 1.09
N HIS A 16 0.86 -4.06 0.19
CA HIS A 16 1.97 -4.89 -0.37
C HIS A 16 3.21 -5.00 0.54
N GLN A 17 3.38 -4.04 1.42
CA GLN A 17 4.56 -4.04 2.36
C GLN A 17 4.18 -4.13 3.86
N ASP A 18 3.21 -4.95 4.17
CA ASP A 18 2.77 -5.12 5.60
C ASP A 18 2.79 -6.59 6.03
N VAL A 19 1.85 -7.34 5.54
CA VAL A 19 1.72 -8.78 5.86
C VAL A 19 1.81 -9.62 4.58
N ILE A 20 2.39 -10.78 4.73
CA ILE A 20 2.56 -11.73 3.58
C ILE A 20 2.01 -13.08 4.04
N TRP A 21 0.80 -12.98 4.49
CA TRP A 21 0.01 -14.14 5.00
C TRP A 21 -0.89 -14.77 3.91
N CYS A 1 -6.30 -4.23 -3.69
CA CYS A 1 -6.27 -3.49 -2.39
C CYS A 1 -7.31 -2.36 -2.37
N SER A 2 -7.38 -1.71 -1.24
CA SER A 2 -8.35 -0.58 -1.02
C SER A 2 -7.54 0.71 -0.78
N CYS A 3 -7.24 1.39 -1.87
CA CYS A 3 -6.47 2.66 -1.81
C CYS A 3 -7.41 3.86 -2.03
N LYS A 4 -8.37 3.96 -1.15
CA LYS A 4 -9.38 5.07 -1.22
C LYS A 4 -8.70 6.41 -0.91
N ASP A 5 -8.70 7.26 -1.90
CA ASP A 5 -8.10 8.62 -1.82
C ASP A 5 -6.60 8.54 -1.47
N MET A 6 -5.97 7.56 -2.07
CA MET A 6 -4.51 7.28 -1.86
C MET A 6 -3.85 7.12 -3.24
N THR A 7 -2.57 6.85 -3.23
CA THR A 7 -1.79 6.65 -4.50
C THR A 7 -1.47 5.15 -4.56
N ASP A 8 -0.43 4.82 -5.29
CA ASP A 8 -0.04 3.38 -5.41
C ASP A 8 1.21 3.26 -4.54
N LYS A 9 2.27 3.89 -4.97
CA LYS A 9 3.58 3.89 -4.25
C LYS A 9 3.43 3.87 -2.72
N GLU A 10 2.57 4.72 -2.23
CA GLU A 10 2.31 4.85 -0.77
C GLU A 10 1.35 3.75 -0.30
N CYS A 11 0.20 3.64 -0.93
CA CYS A 11 -0.79 2.59 -0.54
C CYS A 11 -0.11 1.22 -0.33
N LEU A 12 0.78 0.90 -1.23
CA LEU A 12 1.56 -0.38 -1.19
C LEU A 12 2.25 -0.57 0.16
N TYR A 13 2.85 0.48 0.65
CA TYR A 13 3.56 0.44 1.96
C TYR A 13 2.66 -0.14 3.09
N PHE A 14 1.38 -0.15 2.81
CA PHE A 14 0.34 -0.65 3.77
C PHE A 14 -0.22 -2.03 3.34
N CYS A 15 -0.62 -2.12 2.09
CA CYS A 15 -1.22 -3.40 1.55
C CYS A 15 -0.34 -4.27 0.63
N HIS A 16 0.94 -4.03 0.64
CA HIS A 16 1.90 -4.82 -0.20
C HIS A 16 3.12 -5.25 0.61
N GLN A 17 3.64 -4.29 1.33
CA GLN A 17 4.84 -4.50 2.20
C GLN A 17 5.91 -5.29 1.42
N ASP A 18 6.09 -4.86 0.19
CA ASP A 18 7.07 -5.50 -0.73
C ASP A 18 8.42 -5.69 -0.02
N VAL A 19 8.89 -4.61 0.58
CA VAL A 19 10.19 -4.65 1.32
C VAL A 19 9.96 -4.17 2.76
N ILE A 20 10.88 -4.57 3.58
CA ILE A 20 10.85 -4.21 5.03
C ILE A 20 12.27 -4.29 5.60
N TRP A 21 12.52 -3.52 6.62
CA TRP A 21 13.87 -3.51 7.27
C TRP A 21 13.71 -3.57 8.80
N CYS A 1 -6.14 -5.44 -2.69
CA CYS A 1 -6.26 -4.31 -1.73
C CYS A 1 -7.24 -3.22 -2.22
N SER A 2 -7.31 -2.16 -1.46
CA SER A 2 -8.18 -0.99 -1.75
C SER A 2 -7.31 0.27 -1.56
N CYS A 3 -7.27 1.09 -2.58
CA CYS A 3 -6.44 2.35 -2.52
C CYS A 3 -7.23 3.63 -2.76
N LYS A 4 -8.00 4.01 -1.76
CA LYS A 4 -8.82 5.25 -1.85
C LYS A 4 -8.01 6.37 -1.18
N ASP A 5 -8.45 7.59 -1.36
CA ASP A 5 -7.77 8.81 -0.78
C ASP A 5 -6.23 8.69 -0.59
N MET A 6 -5.64 7.99 -1.51
CA MET A 6 -4.16 7.73 -1.56
C MET A 6 -3.71 7.77 -3.02
N THR A 7 -2.47 7.42 -3.21
CA THR A 7 -1.83 7.39 -4.57
C THR A 7 -1.57 5.89 -4.81
N ASP A 8 -0.43 5.52 -5.34
CA ASP A 8 -0.13 4.07 -5.59
C ASP A 8 0.98 3.53 -4.69
N LYS A 9 2.19 3.97 -4.90
CA LYS A 9 3.34 3.48 -4.07
C LYS A 9 2.97 3.47 -2.58
N GLU A 10 2.66 4.62 -2.04
CA GLU A 10 2.28 4.71 -0.58
C GLU A 10 1.25 3.63 -0.21
N CYS A 11 0.08 3.67 -0.85
CA CYS A 11 -0.99 2.66 -0.54
C CYS A 11 -0.40 1.25 -0.40
N LEU A 12 0.37 0.86 -1.39
CA LEU A 12 1.01 -0.49 -1.37
C LEU A 12 1.81 -0.64 -0.08
N TYR A 13 2.73 0.28 0.11
CA TYR A 13 3.61 0.30 1.32
C TYR A 13 2.89 -0.15 2.61
N PHE A 14 1.59 0.06 2.63
CA PHE A 14 0.71 -0.31 3.80
C PHE A 14 0.01 -1.68 3.64
N CYS A 15 -0.65 -1.90 2.53
CA CYS A 15 -1.36 -3.20 2.32
C CYS A 15 -0.49 -4.28 1.65
N HIS A 16 0.27 -3.86 0.67
CA HIS A 16 1.16 -4.79 -0.08
C HIS A 16 2.58 -4.91 0.52
N GLN A 17 2.97 -3.99 1.38
CA GLN A 17 4.34 -4.07 1.99
C GLN A 17 4.42 -4.02 3.53
N ASP A 18 3.55 -4.72 4.22
CA ASP A 18 3.59 -4.72 5.73
C ASP A 18 3.80 -6.12 6.34
N VAL A 19 2.76 -6.91 6.49
CA VAL A 19 2.93 -8.28 7.09
C VAL A 19 2.49 -9.36 6.08
N ILE A 20 3.03 -10.53 6.29
CA ILE A 20 2.73 -11.70 5.41
C ILE A 20 2.28 -12.86 6.31
N TRP A 21 1.08 -13.32 6.03
CA TRP A 21 0.46 -14.45 6.79
C TRP A 21 -0.61 -15.19 5.95
N CYS A 1 -6.21 -5.04 -2.05
CA CYS A 1 -6.59 -3.84 -1.25
C CYS A 1 -6.99 -2.67 -2.18
N SER A 2 -7.31 -1.56 -1.57
CA SER A 2 -7.72 -0.33 -2.31
C SER A 2 -6.79 0.82 -1.87
N CYS A 3 -7.09 2.00 -2.36
CA CYS A 3 -6.32 3.24 -2.05
C CYS A 3 -7.28 4.35 -1.64
N LYS A 4 -8.30 4.49 -2.46
CA LYS A 4 -9.41 5.51 -2.36
C LYS A 4 -9.15 6.57 -1.27
N ASP A 5 -8.03 7.24 -1.47
CA ASP A 5 -7.54 8.33 -0.57
C ASP A 5 -6.06 8.59 -0.98
N MET A 6 -5.34 7.51 -1.17
CA MET A 6 -3.89 7.59 -1.56
C MET A 6 -3.70 7.41 -3.08
N THR A 7 -2.46 7.37 -3.49
CA THR A 7 -2.09 7.19 -4.93
C THR A 7 -1.83 5.71 -5.26
N ASP A 8 -0.59 5.28 -5.19
CA ASP A 8 -0.25 3.85 -5.50
C ASP A 8 0.90 3.43 -4.58
N LYS A 9 2.01 4.13 -4.71
CA LYS A 9 3.24 3.85 -3.89
C LYS A 9 2.85 3.69 -2.42
N GLU A 10 2.14 4.70 -1.94
CA GLU A 10 1.66 4.74 -0.53
C GLU A 10 0.89 3.44 -0.27
N CYS A 11 -0.20 3.32 -0.98
CA CYS A 11 -1.12 2.13 -0.91
C CYS A 11 -0.34 0.84 -0.60
N LEU A 12 0.62 0.59 -1.45
CA LEU A 12 1.48 -0.61 -1.32
C LEU A 12 2.13 -0.73 0.06
N TYR A 13 2.83 0.32 0.42
CA TYR A 13 3.52 0.36 1.75
C TYR A 13 2.69 -0.28 2.88
N PHE A 14 1.40 -0.09 2.76
CA PHE A 14 0.40 -0.62 3.74
C PHE A 14 -0.08 -2.04 3.34
N CYS A 15 -0.51 -2.17 2.11
CA CYS A 15 -0.99 -3.50 1.60
C CYS A 15 0.16 -4.44 1.23
N HIS A 16 0.94 -4.07 0.24
CA HIS A 16 2.10 -4.90 -0.22
C HIS A 16 2.93 -5.40 0.96
N GLN A 17 3.34 -4.43 1.73
CA GLN A 17 4.18 -4.66 2.93
C GLN A 17 5.42 -5.46 2.52
N ASP A 18 6.23 -4.81 1.74
CA ASP A 18 7.49 -5.43 1.23
C ASP A 18 8.67 -5.14 2.17
N VAL A 19 8.79 -3.92 2.60
CA VAL A 19 9.91 -3.56 3.52
C VAL A 19 9.36 -3.15 4.91
N ILE A 20 10.09 -3.59 5.91
CA ILE A 20 9.73 -3.31 7.33
C ILE A 20 10.90 -2.56 7.99
N TRP A 21 10.86 -1.25 7.89
CA TRP A 21 11.94 -0.40 8.48
C TRP A 21 11.37 0.35 9.70
N CYS A 1 -6.01 -3.84 -4.15
CA CYS A 1 -6.01 -3.26 -2.79
C CYS A 1 -7.12 -2.21 -2.62
N SER A 2 -7.20 -1.72 -1.41
CA SER A 2 -8.20 -0.69 -1.02
C SER A 2 -7.43 0.55 -0.52
N CYS A 3 -6.95 1.31 -1.47
CA CYS A 3 -6.18 2.54 -1.13
C CYS A 3 -7.16 3.63 -0.67
N LYS A 4 -8.24 3.74 -1.40
CA LYS A 4 -9.32 4.74 -1.10
C LYS A 4 -8.77 6.18 -0.99
N ASP A 5 -8.62 6.78 -2.15
CA ASP A 5 -8.12 8.19 -2.31
C ASP A 5 -6.66 8.47 -1.91
N MET A 6 -5.79 7.57 -2.31
CA MET A 6 -4.33 7.70 -2.01
C MET A 6 -3.59 7.48 -3.35
N THR A 7 -2.30 7.24 -3.29
CA THR A 7 -1.51 7.01 -4.55
C THR A 7 -1.31 5.48 -4.68
N ASP A 8 -0.25 5.07 -5.34
CA ASP A 8 0.02 3.61 -5.50
C ASP A 8 1.22 3.30 -4.61
N LYS A 9 2.34 3.91 -4.90
CA LYS A 9 3.59 3.70 -4.10
C LYS A 9 3.31 3.67 -2.58
N GLU A 10 2.52 4.63 -2.15
CA GLU A 10 2.15 4.75 -0.70
C GLU A 10 1.24 3.55 -0.38
N CYS A 11 0.14 3.50 -1.09
CA CYS A 11 -0.88 2.40 -0.92
C CYS A 11 -0.21 1.06 -0.64
N LEU A 12 0.76 0.74 -1.46
CA LEU A 12 1.52 -0.53 -1.33
C LEU A 12 2.07 -0.69 0.07
N TYR A 13 2.86 0.27 0.49
CA TYR A 13 3.47 0.21 1.86
C TYR A 13 2.45 -0.24 2.95
N PHE A 14 1.19 -0.05 2.65
CA PHE A 14 0.07 -0.42 3.59
C PHE A 14 -0.49 -1.82 3.23
N CYS A 15 -0.75 -2.03 1.95
CA CYS A 15 -1.30 -3.32 1.44
C CYS A 15 -0.22 -4.31 0.92
N HIS A 16 0.67 -3.86 0.08
CA HIS A 16 1.75 -4.77 -0.46
C HIS A 16 2.98 -4.70 0.46
N GLN A 17 3.61 -3.54 0.49
CA GLN A 17 4.82 -3.30 1.33
C GLN A 17 6.04 -4.15 0.92
N ASP A 18 6.29 -4.14 -0.37
CA ASP A 18 7.43 -4.91 -0.99
C ASP A 18 8.62 -5.16 -0.04
N VAL A 19 9.27 -4.08 0.32
CA VAL A 19 10.44 -4.14 1.25
C VAL A 19 10.18 -3.31 2.49
N ILE A 20 10.78 -3.78 3.55
CA ILE A 20 10.67 -3.13 4.88
C ILE A 20 11.99 -3.33 5.63
N TRP A 21 12.96 -2.63 5.12
CA TRP A 21 14.35 -2.65 5.68
C TRP A 21 14.61 -1.58 6.77
N CYS A 1 -7.31 -4.23 1.75
CA CYS A 1 -6.46 -3.64 0.67
C CYS A 1 -7.28 -2.66 -0.19
N SER A 2 -7.50 -1.49 0.37
CA SER A 2 -8.30 -0.44 -0.36
C SER A 2 -7.40 0.77 -0.68
N CYS A 3 -7.40 1.13 -1.95
CA CYS A 3 -6.59 2.29 -2.45
C CYS A 3 -7.59 3.35 -2.94
N LYS A 4 -8.28 3.92 -1.97
CA LYS A 4 -9.31 4.98 -2.24
C LYS A 4 -8.58 6.31 -2.01
N ASP A 5 -8.41 7.03 -3.10
CA ASP A 5 -7.72 8.36 -3.11
C ASP A 5 -6.42 8.34 -2.28
N MET A 6 -5.53 7.51 -2.77
CA MET A 6 -4.17 7.29 -2.19
C MET A 6 -3.16 7.73 -3.27
N THR A 7 -1.88 7.59 -3.02
CA THR A 7 -0.87 8.01 -4.04
C THR A 7 -0.18 6.79 -4.66
N ASP A 8 -0.81 5.65 -4.48
CA ASP A 8 -0.32 4.33 -4.99
C ASP A 8 0.81 3.82 -4.11
N LYS A 9 1.92 4.52 -4.13
CA LYS A 9 3.10 4.11 -3.30
C LYS A 9 2.64 3.84 -1.86
N GLU A 10 1.99 4.81 -1.28
CA GLU A 10 1.50 4.65 0.13
C GLU A 10 0.69 3.36 0.25
N CYS A 11 -0.37 3.27 -0.52
CA CYS A 11 -1.24 2.05 -0.48
C CYS A 11 -0.40 0.77 -0.52
N LEU A 12 0.57 0.73 -1.42
CA LEU A 12 1.46 -0.46 -1.53
C LEU A 12 2.11 -0.80 -0.18
N TYR A 13 2.72 0.21 0.40
CA TYR A 13 3.41 0.04 1.73
C TYR A 13 2.48 -0.60 2.80
N PHE A 14 1.20 -0.62 2.51
CA PHE A 14 0.18 -1.20 3.44
C PHE A 14 -0.27 -2.58 2.94
N CYS A 15 -0.57 -2.67 1.66
CA CYS A 15 -1.03 -3.96 1.03
C CYS A 15 0.05 -4.71 0.23
N HIS A 16 0.79 -4.00 -0.59
CA HIS A 16 1.87 -4.65 -1.42
C HIS A 16 3.22 -4.55 -0.68
N GLN A 17 3.13 -4.67 0.62
CA GLN A 17 4.33 -4.61 1.51
C GLN A 17 4.43 -5.93 2.27
N ASP A 18 4.20 -6.99 1.53
CA ASP A 18 4.25 -8.37 2.09
C ASP A 18 5.28 -9.14 1.24
N VAL A 19 6.34 -8.42 0.96
CA VAL A 19 7.48 -8.95 0.15
C VAL A 19 8.77 -8.76 0.98
N ILE A 20 9.86 -9.27 0.47
CA ILE A 20 11.18 -9.16 1.18
C ILE A 20 12.04 -8.02 0.60
N TRP A 21 11.73 -6.82 1.03
CA TRP A 21 12.48 -5.61 0.56
C TRP A 21 13.35 -5.08 1.73
N CYS A 1 -6.85 -4.77 -1.89
CA CYS A 1 -6.80 -3.76 -0.79
C CYS A 1 -7.63 -2.52 -1.15
N SER A 2 -7.59 -1.53 -0.28
CA SER A 2 -8.35 -0.27 -0.50
C SER A 2 -7.39 0.92 -0.56
N CYS A 3 -7.27 1.49 -1.72
CA CYS A 3 -6.36 2.66 -1.91
C CYS A 3 -7.25 3.88 -2.15
N LYS A 4 -8.40 3.87 -1.51
CA LYS A 4 -9.39 4.99 -1.64
C LYS A 4 -8.70 6.34 -1.40
N ASP A 5 -8.85 7.20 -2.37
CA ASP A 5 -8.26 8.57 -2.37
C ASP A 5 -6.79 8.55 -1.87
N MET A 6 -6.07 7.60 -2.41
CA MET A 6 -4.62 7.40 -2.09
C MET A 6 -3.84 7.39 -3.42
N THR A 7 -2.56 7.18 -3.31
CA THR A 7 -1.67 7.14 -4.52
C THR A 7 -1.19 5.67 -4.66
N ASP A 8 -0.06 5.45 -5.27
CA ASP A 8 0.45 4.05 -5.45
C ASP A 8 1.49 3.65 -4.41
N LYS A 9 2.70 4.14 -4.53
CA LYS A 9 3.80 3.80 -3.56
C LYS A 9 3.26 3.79 -2.11
N GLU A 10 2.62 4.87 -1.76
CA GLU A 10 2.04 5.00 -0.39
C GLU A 10 1.15 3.78 -0.08
N CYS A 11 0.10 3.62 -0.85
CA CYS A 11 -0.84 2.47 -0.65
C CYS A 11 -0.10 1.13 -0.52
N LEU A 12 0.83 0.91 -1.41
CA LEU A 12 1.64 -0.35 -1.41
C LEU A 12 2.20 -0.65 -0.03
N TYR A 13 2.78 0.34 0.58
CA TYR A 13 3.37 0.16 1.95
C TYR A 13 2.37 -0.51 2.94
N PHE A 14 1.10 -0.40 2.63
CA PHE A 14 0.01 -0.99 3.47
C PHE A 14 -0.57 -2.27 2.83
N CYS A 15 -0.38 -2.42 1.54
CA CYS A 15 -0.90 -3.63 0.81
C CYS A 15 0.24 -4.57 0.39
N HIS A 16 1.17 -4.07 -0.38
CA HIS A 16 2.34 -4.88 -0.86
C HIS A 16 3.34 -5.18 0.27
N GLN A 17 3.49 -4.21 1.13
CA GLN A 17 4.43 -4.30 2.30
C GLN A 17 3.58 -4.33 3.58
N ASP A 18 2.67 -5.28 3.57
CA ASP A 18 1.74 -5.48 4.72
C ASP A 18 2.19 -6.65 5.60
N VAL A 19 2.57 -7.73 4.98
CA VAL A 19 3.04 -8.93 5.73
C VAL A 19 4.57 -8.91 5.85
N ILE A 20 5.05 -9.70 6.77
CA ILE A 20 6.53 -9.79 7.01
C ILE A 20 7.00 -11.26 6.90
N TRP A 21 7.11 -11.71 5.67
CA TRP A 21 7.57 -13.12 5.41
C TRP A 21 8.91 -13.11 4.66
#